data_9Q8H
#
_entry.id   9Q8H
#
_cell.length_a   168.200
_cell.length_b   168.200
_cell.length_c   52.010
_cell.angle_alpha   90.000
_cell.angle_beta   90.000
_cell.angle_gamma   120.000
#
_symmetry.space_group_name_H-M   'P 31 2 1'
#
loop_
_entity.id
_entity.type
_entity.pdbx_description
1 polymer "2'-O-methyltransferase nsp16"
2 polymer 'Non-structural protein 10'
3 non-polymer S-ADENOSYLMETHIONINE
4 non-polymer 1,2-ETHANEDIOL
5 non-polymer '2-(N-MORPHOLINO)-ETHANESULFONIC ACID'
6 non-polymer 'SODIUM ION'
7 non-polymer 9-[(3~{R},4~{R})-1-(3-azanylpropanoyl)-4-oxidanyl-pyrrolidin-3-yl]-1,3-dimethyl-purine-2,6-dione
8 non-polymer 'CHLORIDE ION'
9 non-polymer 'ZINC ION'
10 non-polymer IMIDAZOLE
11 water water
#
loop_
_entity_poly.entity_id
_entity_poly.type
_entity_poly.pdbx_seq_one_letter_code
_entity_poly.pdbx_strand_id
1 'polypeptide(L)'
;SSQAWQPGVAMPNLYKMQRMLLEKCDLQNYGDSATLPKGIMMNVAKYTQLCQYLNTLTLAVPYNMRVIHFGAGSDKGVAP
GTAVLRQWLPTGTLLVDSDLNDFVSDADSTLIGDCATVHTANKWDLIISDMYDPKTKNVTKENDSKEGFFTYICGFIQQK
LALGGSVAIKITEHSWNADLYKLMGHFAWWTAFVTNVNASSSEAFLIGCNYLGKPREQIDGYVMHANYIFWRNTNPIQLS
SYSLFDMSKFPLKLRGTAVMSLKEGQINDMILSLLSKGRLIIRENNRVVISSDVLVNNENLYFQ
;
A
2 'polypeptide(L)'
;GAGNATEVPANSTVLSFCAFAVDAAKAYKDYLASGGQPITNCVKMLCTHTGTGQAITVTPEANMDQESFGGASCCLYCRC
HIDHPNPKGFCDLKGKYVQIPTTCANDPVGFTLKNTVCTVCGMWKGYGCSCDQLREPMLQ
;
B
#
loop_
_chem_comp.id
_chem_comp.type
_chem_comp.name
_chem_comp.formula
A1I4H non-polymer 9-[(3~{R},4~{R})-1-(3-azanylpropanoyl)-4-oxidanyl-pyrrolidin-3-yl]-1,3-dimethyl-purine-2,6-dione 'C14 H20 N6 O4'
CL non-polymer 'CHLORIDE ION' 'Cl -1'
EDO non-polymer 1,2-ETHANEDIOL 'C2 H6 O2'
IMD non-polymer IMIDAZOLE 'C3 H5 N2 1'
MES non-polymer '2-(N-MORPHOLINO)-ETHANESULFONIC ACID' 'C6 H13 N O4 S'
NA non-polymer 'SODIUM ION' 'Na 1'
SAM non-polymer S-ADENOSYLMETHIONINE 'C15 H22 N6 O5 S'
ZN non-polymer 'ZINC ION' 'Zn 2'
#
# COMPACT_ATOMS: atom_id res chain seq x y z
N SER A 2 10.82 15.51 -19.55
CA SER A 2 9.64 15.92 -18.79
C SER A 2 9.13 14.86 -17.82
N GLN A 3 9.72 13.67 -17.86
CA GLN A 3 9.14 12.65 -17.02
C GLN A 3 9.37 12.92 -15.54
N ALA A 4 10.23 13.89 -15.20
CA ALA A 4 10.59 14.09 -13.82
C ALA A 4 9.45 14.69 -12.99
N TRP A 5 8.42 15.25 -13.64
CA TRP A 5 7.25 15.77 -12.93
C TRP A 5 6.11 14.76 -12.84
N GLN A 6 6.27 13.60 -13.46
CA GLN A 6 5.31 12.52 -13.30
C GLN A 6 5.59 11.79 -11.99
N PRO A 7 4.64 10.97 -11.54
CA PRO A 7 4.93 10.10 -10.39
C PRO A 7 5.92 9.00 -10.74
N GLY A 8 6.05 8.67 -12.02
CA GLY A 8 6.91 7.59 -12.43
C GLY A 8 6.77 7.40 -13.92
N VAL A 9 7.31 6.27 -14.39
CA VAL A 9 7.32 5.99 -15.82
C VAL A 9 6.78 4.58 -16.05
N ALA A 10 5.84 4.46 -16.98
CA ALA A 10 5.25 3.18 -17.37
C ALA A 10 5.93 2.64 -18.63
N MET A 11 6.04 1.32 -18.71
CA MET A 11 6.61 0.67 -19.87
C MET A 11 5.90 1.14 -21.15
N PRO A 12 6.61 1.71 -22.12
CA PRO A 12 5.94 2.10 -23.37
C PRO A 12 5.50 0.87 -24.16
N ASN A 13 4.33 1.00 -24.80
CA ASN A 13 3.70 -0.14 -25.47
C ASN A 13 4.65 -0.80 -26.45
N LEU A 14 5.49 -0.02 -27.14
CA LEU A 14 6.32 -0.64 -28.16
C LEU A 14 7.30 -1.63 -27.55
N TYR A 15 7.77 -1.38 -26.31
CA TYR A 15 8.66 -2.35 -25.68
C TYR A 15 7.92 -3.63 -25.34
N LYS A 16 6.63 -3.52 -25.04
CA LYS A 16 5.83 -4.71 -24.75
C LYS A 16 5.74 -5.64 -25.95
N MET A 17 5.82 -5.08 -27.16
CA MET A 17 5.64 -5.85 -28.39
C MET A 17 6.92 -6.48 -28.90
N GLN A 18 8.03 -6.40 -28.20
CA GLN A 18 9.24 -6.99 -28.71
C GLN A 18 9.32 -8.47 -28.36
N ARG A 19 10.40 -9.11 -28.77
N ARG A 19 10.43 -9.08 -28.77
CA ARG A 19 10.67 -10.51 -28.44
CA ARG A 19 10.72 -10.49 -28.50
C ARG A 19 12.16 -10.57 -28.08
C ARG A 19 12.19 -10.59 -28.06
N MET A 20 12.51 -9.92 -26.96
CA MET A 20 13.89 -9.87 -26.52
C MET A 20 14.26 -11.11 -25.72
N LEU A 21 15.56 -11.29 -25.55
CA LEU A 21 16.12 -12.27 -24.65
C LEU A 21 16.54 -11.61 -23.35
N LEU A 22 16.47 -12.38 -22.28
CA LEU A 22 16.76 -11.86 -20.96
C LEU A 22 18.24 -11.56 -20.83
N GLU A 23 18.55 -10.33 -20.45
CA GLU A 23 19.90 -9.93 -20.12
C GLU A 23 19.97 -9.55 -18.64
N LYS A 24 21.19 -9.38 -18.16
CA LYS A 24 21.40 -8.78 -16.85
C LYS A 24 20.95 -7.32 -16.86
N CYS A 25 20.38 -6.86 -15.75
CA CYS A 25 19.93 -5.48 -15.63
C CYS A 25 21.07 -4.60 -15.17
N ASP A 26 21.35 -3.54 -15.95
CA ASP A 26 22.45 -2.62 -15.69
C ASP A 26 21.90 -1.20 -15.77
N LEU A 27 21.65 -0.61 -14.61
CA LEU A 27 21.08 0.73 -14.52
C LEU A 27 22.17 1.76 -14.33
N GLN A 28 22.11 2.81 -15.15
CA GLN A 28 23.09 3.89 -15.14
C GLN A 28 23.21 4.52 -13.76
N ASN A 29 22.08 4.77 -13.09
CA ASN A 29 22.07 5.44 -11.80
C ASN A 29 21.98 4.47 -10.64
N TYR A 30 22.35 3.21 -10.85
CA TYR A 30 22.36 2.27 -9.74
C TYR A 30 23.11 2.84 -8.57
N GLY A 31 22.50 2.73 -7.39
CA GLY A 31 23.08 3.24 -6.17
C GLY A 31 22.75 4.67 -5.84
N ASP A 32 22.32 5.47 -6.82
CA ASP A 32 21.85 6.82 -6.53
C ASP A 32 20.53 6.77 -5.79
N SER A 33 20.21 7.84 -5.07
CA SER A 33 18.95 7.93 -4.35
C SER A 33 18.32 9.30 -4.53
N ALA A 34 16.99 9.32 -4.50
CA ALA A 34 16.24 10.56 -4.60
C ALA A 34 16.33 11.29 -3.27
N THR A 35 16.19 12.61 -3.35
CA THR A 35 16.09 13.42 -2.14
C THR A 35 14.63 13.50 -1.74
N LEU A 36 14.31 12.94 -0.74
CA LEU A 36 12.95 12.91 -0.23
C LEU A 36 12.65 14.14 0.62
N PRO A 37 11.39 14.56 0.65
CA PRO A 37 11.01 15.63 1.57
C PRO A 37 11.42 15.27 2.99
N LYS A 38 11.66 16.31 3.78
CA LYS A 38 12.07 16.13 5.17
C LYS A 38 11.21 15.13 5.92
N GLY A 39 11.86 14.11 6.47
CA GLY A 39 11.20 13.17 7.35
C GLY A 39 10.27 12.18 6.69
N ILE A 40 10.30 12.08 5.36
CA ILE A 40 9.44 11.17 4.63
C ILE A 40 10.25 9.90 4.33
N MET A 41 9.64 8.73 4.59
CA MET A 41 10.25 7.44 4.36
C MET A 41 10.15 7.04 2.87
N MET A 42 11.12 6.26 2.40
CA MET A 42 11.06 5.77 1.02
C MET A 42 9.74 5.08 0.72
N ASN A 43 9.22 4.29 1.66
CA ASN A 43 8.06 3.49 1.29
C ASN A 43 6.79 4.34 1.25
N VAL A 44 6.72 5.42 2.03
CA VAL A 44 5.61 6.35 1.88
C VAL A 44 5.66 7.03 0.52
N ALA A 45 6.85 7.49 0.11
CA ALA A 45 7.01 8.15 -1.17
C ALA A 45 6.68 7.20 -2.31
N LYS A 46 7.18 5.97 -2.21
CA LYS A 46 6.97 4.97 -3.23
C LYS A 46 5.49 4.72 -3.44
N TYR A 47 4.77 4.44 -2.35
CA TYR A 47 3.34 4.16 -2.48
C TYR A 47 2.55 5.39 -2.91
N THR A 48 2.99 6.59 -2.52
CA THR A 48 2.29 7.78 -2.96
C THR A 48 2.36 7.90 -4.48
N GLN A 49 3.54 7.71 -5.05
CA GLN A 49 3.69 7.79 -6.51
C GLN A 49 2.92 6.67 -7.19
N LEU A 50 2.89 5.48 -6.60
CA LEU A 50 2.11 4.40 -7.19
C LEU A 50 0.64 4.77 -7.24
N CYS A 51 0.11 5.34 -6.16
CA CYS A 51 -1.28 5.76 -6.15
C CYS A 51 -1.51 6.94 -7.08
N GLN A 52 -0.57 7.87 -7.15
CA GLN A 52 -0.67 8.96 -8.10
C GLN A 52 -0.81 8.42 -9.52
N TYR A 53 -0.05 7.38 -9.85
CA TYR A 53 -0.15 6.77 -11.17
C TYR A 53 -1.46 6.02 -11.33
N LEU A 54 -1.90 5.30 -10.28
CA LEU A 54 -3.17 4.60 -10.42
C LEU A 54 -4.34 5.55 -10.61
N ASN A 55 -4.21 6.80 -10.15
CA ASN A 55 -5.27 7.77 -10.36
C ASN A 55 -5.48 8.06 -11.85
N THR A 56 -4.51 7.74 -12.71
CA THR A 56 -4.64 8.03 -14.12
C THR A 56 -5.27 6.87 -14.91
N LEU A 57 -5.57 5.76 -14.24
CA LEU A 57 -6.14 4.61 -14.90
C LEU A 57 -7.63 4.54 -14.61
N THR A 58 -8.29 3.58 -15.27
CA THR A 58 -9.74 3.39 -15.16
C THR A 58 -10.09 2.36 -14.09
N LEU A 59 -9.70 2.69 -12.87
CA LEU A 59 -10.03 1.84 -11.75
C LEU A 59 -11.53 1.90 -11.42
N ALA A 60 -12.10 0.72 -11.18
CA ALA A 60 -13.42 0.64 -10.59
C ALA A 60 -13.34 1.01 -9.11
N VAL A 61 -14.22 1.91 -8.67
CA VAL A 61 -14.22 2.37 -7.28
C VAL A 61 -15.65 2.27 -6.76
N PRO A 62 -16.12 1.08 -6.42
CA PRO A 62 -17.48 0.93 -5.91
C PRO A 62 -17.63 1.50 -4.51
N TYR A 63 -18.89 1.74 -4.14
CA TYR A 63 -19.23 1.90 -2.73
C TYR A 63 -18.85 0.60 -2.03
N ASN A 64 -18.38 0.70 -0.79
CA ASN A 64 -17.96 -0.49 -0.04
C ASN A 64 -16.89 -1.26 -0.79
N MET A 65 -15.83 -0.55 -1.16
CA MET A 65 -14.71 -1.13 -1.87
C MET A 65 -13.91 -2.03 -0.94
N ARG A 66 -13.35 -3.09 -1.51
CA ARG A 66 -12.59 -4.09 -0.79
C ARG A 66 -11.19 -4.15 -1.39
N VAL A 67 -10.18 -3.87 -0.55
CA VAL A 67 -8.79 -3.84 -0.98
C VAL A 67 -7.98 -4.70 -0.04
N ILE A 68 -7.09 -5.52 -0.60
CA ILE A 68 -6.19 -6.33 0.21
C ILE A 68 -4.74 -6.05 -0.19
N HIS A 69 -3.87 -5.99 0.81
CA HIS A 69 -2.48 -5.54 0.67
C HIS A 69 -1.55 -6.58 1.28
N PHE A 70 -0.82 -7.30 0.42
CA PHE A 70 0.15 -8.30 0.88
C PHE A 70 1.55 -7.71 0.95
N GLY A 71 2.35 -8.25 1.86
CA GLY A 71 3.71 -7.72 2.02
C GLY A 71 3.73 -6.35 2.66
N ALA A 72 2.84 -6.12 3.62
CA ALA A 72 2.60 -4.78 4.13
C ALA A 72 3.49 -4.39 5.31
N GLY A 73 4.15 -5.33 5.94
CA GLY A 73 5.00 -5.00 7.06
C GLY A 73 6.39 -4.59 6.62
N SER A 74 7.05 -3.81 7.46
CA SER A 74 8.42 -3.38 7.20
C SER A 74 9.31 -3.90 8.32
N ASP A 75 10.62 -3.74 8.15
CA ASP A 75 11.57 -4.00 9.22
C ASP A 75 11.42 -3.05 10.40
N LYS A 76 10.58 -2.01 10.26
CA LYS A 76 10.32 -1.07 11.34
C LYS A 76 9.19 -1.54 12.25
N GLY A 77 8.46 -2.58 11.84
CA GLY A 77 7.29 -3.04 12.57
C GLY A 77 6.02 -2.28 12.32
N VAL A 78 5.98 -1.43 11.30
CA VAL A 78 4.82 -0.61 10.99
C VAL A 78 4.48 -0.86 9.52
N ALA A 79 3.46 -0.17 9.02
CA ALA A 79 2.94 -0.44 7.68
C ALA A 79 2.79 0.87 6.92
N PRO A 80 3.91 1.47 6.51
CA PRO A 80 3.85 2.72 5.75
C PRO A 80 2.96 2.65 4.52
N GLY A 81 3.10 1.60 3.71
CA GLY A 81 2.31 1.49 2.50
C GLY A 81 0.82 1.40 2.79
N THR A 82 0.44 0.63 3.81
CA THR A 82 -0.97 0.57 4.17
C THR A 82 -1.51 1.95 4.52
N ALA A 83 -0.71 2.78 5.20
CA ALA A 83 -1.17 4.12 5.57
C ALA A 83 -1.41 4.98 4.33
N VAL A 84 -0.57 4.84 3.30
CA VAL A 84 -0.79 5.60 2.07
C VAL A 84 -2.04 5.08 1.37
N LEU A 85 -2.19 3.76 1.29
CA LEU A 85 -3.38 3.21 0.66
C LEU A 85 -4.65 3.70 1.34
N ARG A 86 -4.67 3.69 2.66
CA ARG A 86 -5.85 4.16 3.39
C ARG A 86 -6.09 5.65 3.18
N GLN A 87 -5.03 6.44 3.03
CA GLN A 87 -5.22 7.85 2.72
C GLN A 87 -5.80 8.02 1.31
N TRP A 88 -5.32 7.23 0.36
CA TRP A 88 -5.77 7.32 -1.03
C TRP A 88 -7.21 6.86 -1.19
N LEU A 89 -7.51 5.69 -0.64
CA LEU A 89 -8.81 5.08 -0.84
C LEU A 89 -9.91 5.89 -0.16
N PRO A 90 -11.12 5.85 -0.69
CA PRO A 90 -12.23 6.56 -0.05
C PRO A 90 -12.37 6.13 1.41
N THR A 91 -12.81 7.08 2.23
CA THR A 91 -13.11 6.75 3.61
C THR A 91 -14.18 5.66 3.65
N GLY A 92 -13.96 4.70 4.53
CA GLY A 92 -14.84 3.57 4.64
C GLY A 92 -14.39 2.37 3.84
N THR A 93 -13.41 2.51 2.96
CA THR A 93 -12.96 1.38 2.17
C THR A 93 -12.43 0.29 3.10
N LEU A 94 -12.92 -0.94 2.90
CA LEU A 94 -12.39 -2.05 3.67
C LEU A 94 -10.99 -2.37 3.18
N LEU A 95 -10.02 -2.32 4.09
CA LEU A 95 -8.62 -2.54 3.76
C LEU A 95 -8.07 -3.63 4.67
N VAL A 96 -7.62 -4.74 4.08
CA VAL A 96 -6.99 -5.84 4.81
C VAL A 96 -5.52 -5.90 4.39
N ASP A 97 -4.62 -6.09 5.35
CA ASP A 97 -3.22 -6.28 4.99
C ASP A 97 -2.63 -7.50 5.69
N SER A 98 -1.43 -7.86 5.21
CA SER A 98 -0.81 -9.13 5.56
C SER A 98 0.69 -9.08 5.35
N ASP A 99 1.39 -9.86 6.16
CA ASP A 99 2.83 -10.00 6.06
C ASP A 99 3.25 -11.22 6.87
N LEU A 100 4.46 -11.69 6.57
CA LEU A 100 4.99 -12.86 7.24
C LEU A 100 5.30 -12.58 8.70
N ASN A 101 5.76 -11.38 9.01
CA ASN A 101 6.13 -11.01 10.36
C ASN A 101 5.17 -9.99 10.96
N ASP A 102 5.16 -9.97 12.29
CA ASP A 102 4.21 -9.13 13.02
C ASP A 102 4.48 -7.67 12.75
N PHE A 103 3.42 -6.87 12.66
CA PHE A 103 3.57 -5.44 12.45
C PHE A 103 2.27 -4.77 12.87
N VAL A 104 2.34 -3.46 13.21
CA VAL A 104 1.15 -2.72 13.60
C VAL A 104 0.71 -1.89 12.40
N SER A 105 -0.60 -1.81 12.19
CA SER A 105 -1.09 -1.30 10.93
C SER A 105 -2.40 -0.58 11.14
N ASP A 106 -2.69 0.34 10.21
CA ASP A 106 -3.94 1.06 10.16
C ASP A 106 -5.02 0.34 9.37
N ALA A 107 -4.71 -0.83 8.82
CA ALA A 107 -5.72 -1.61 8.12
C ALA A 107 -6.84 -1.99 9.08
N ASP A 108 -8.00 -2.31 8.49
CA ASP A 108 -9.15 -2.75 9.28
C ASP A 108 -8.93 -4.13 9.88
N SER A 109 -8.18 -5.00 9.19
CA SER A 109 -7.79 -6.29 9.73
C SER A 109 -6.43 -6.65 9.13
N THR A 110 -5.59 -7.30 9.94
CA THR A 110 -4.23 -7.67 9.60
C THR A 110 -4.05 -9.16 9.88
N LEU A 111 -3.45 -9.88 8.94
CA LEU A 111 -3.18 -11.30 9.07
C LEU A 111 -1.69 -11.51 9.02
N ILE A 112 -1.15 -12.20 10.02
CA ILE A 112 0.28 -12.48 10.12
C ILE A 112 0.51 -13.94 9.74
N GLY A 113 1.50 -14.18 8.88
CA GLY A 113 1.83 -15.50 8.42
C GLY A 113 2.21 -15.52 6.95
N ASP A 114 2.67 -16.67 6.43
CA ASP A 114 2.93 -16.81 5.00
C ASP A 114 1.63 -16.55 4.25
N CYS A 115 1.74 -15.88 3.09
CA CYS A 115 0.53 -15.52 2.36
C CYS A 115 -0.30 -16.74 1.99
N ALA A 116 0.34 -17.91 1.86
CA ALA A 116 -0.39 -19.12 1.53
C ALA A 116 -1.34 -19.56 2.63
N THR A 117 -1.13 -19.12 3.87
CA THR A 117 -2.07 -19.40 4.93
C THR A 117 -3.30 -18.51 4.88
N VAL A 118 -3.34 -17.51 3.99
CA VAL A 118 -4.42 -16.55 3.95
C VAL A 118 -5.56 -17.06 3.10
N HIS A 119 -6.78 -17.00 3.66
CA HIS A 119 -7.99 -17.41 2.98
C HIS A 119 -9.08 -16.36 3.19
N THR A 120 -9.84 -16.11 2.14
CA THR A 120 -10.93 -15.16 2.24
C THR A 120 -12.14 -15.76 1.56
N ALA A 121 -13.31 -15.46 2.13
CA ALA A 121 -14.56 -15.94 1.56
C ALA A 121 -14.88 -15.19 0.28
N ASN A 122 -14.66 -13.89 0.27
CA ASN A 122 -15.15 -12.95 -0.71
C ASN A 122 -14.11 -12.53 -1.73
N LYS A 123 -14.58 -11.81 -2.75
CA LYS A 123 -13.75 -11.29 -3.82
C LYS A 123 -13.36 -9.84 -3.52
N TRP A 124 -12.32 -9.38 -4.20
CA TRP A 124 -11.70 -8.08 -3.91
C TRP A 124 -11.70 -7.22 -5.15
N ASP A 125 -11.74 -5.91 -4.94
CA ASP A 125 -11.72 -4.95 -6.03
C ASP A 125 -10.32 -4.47 -6.39
N LEU A 126 -9.36 -4.62 -5.49
CA LEU A 126 -8.01 -4.15 -5.74
C LEU A 126 -7.07 -4.97 -4.87
N ILE A 127 -6.02 -5.51 -5.48
CA ILE A 127 -5.01 -6.30 -4.78
C ILE A 127 -3.66 -5.62 -4.95
N ILE A 128 -3.02 -5.28 -3.84
CA ILE A 128 -1.68 -4.69 -3.83
C ILE A 128 -0.72 -5.68 -3.18
N SER A 129 0.42 -5.91 -3.81
CA SER A 129 1.44 -6.75 -3.19
C SER A 129 2.81 -6.08 -3.28
N ASP A 130 3.46 -5.95 -2.14
CA ASP A 130 4.86 -5.57 -2.08
C ASP A 130 5.70 -6.71 -1.52
N MET A 131 5.22 -7.94 -1.67
CA MET A 131 5.98 -9.08 -1.21
C MET A 131 7.29 -9.16 -1.99
N TYR A 132 8.36 -9.48 -1.27
CA TYR A 132 9.71 -9.48 -1.82
C TYR A 132 10.63 -10.22 -0.87
N ASP A 133 11.47 -11.08 -1.43
CA ASP A 133 12.50 -11.80 -0.67
C ASP A 133 13.86 -11.38 -1.16
N PRO A 134 14.70 -10.75 -0.32
CA PRO A 134 15.98 -10.22 -0.85
C PRO A 134 16.95 -11.31 -1.29
N LYS A 135 16.77 -12.55 -0.80
CA LYS A 135 17.63 -13.65 -1.17
C LYS A 135 17.45 -14.11 -2.62
N THR A 136 16.36 -13.69 -3.29
CA THR A 136 16.20 -14.06 -4.70
C THR A 136 17.23 -13.37 -5.58
N LYS A 137 17.73 -12.22 -5.14
CA LYS A 137 18.74 -11.42 -5.83
C LYS A 137 20.07 -12.15 -5.73
N ASN A 138 20.42 -12.91 -6.75
CA ASN A 138 21.68 -13.63 -6.80
C ASN A 138 22.19 -13.46 -8.23
N VAL A 139 23.14 -12.53 -8.38
CA VAL A 139 23.75 -12.17 -9.64
C VAL A 139 24.69 -13.22 -10.20
N THR A 140 25.07 -14.21 -9.40
CA THR A 140 25.96 -15.28 -9.86
C THR A 140 25.22 -16.49 -10.40
N LYS A 141 23.89 -16.51 -10.31
CA LYS A 141 23.11 -17.64 -10.81
C LYS A 141 22.09 -17.19 -11.87
N GLU A 142 21.65 -18.17 -12.64
CA GLU A 142 20.70 -17.90 -13.71
C GLU A 142 19.42 -17.34 -13.12
N ASN A 143 18.73 -16.52 -13.90
CA ASN A 143 17.57 -15.78 -13.43
C ASN A 143 16.31 -16.39 -14.02
N ASP A 144 15.73 -17.37 -13.32
CA ASP A 144 14.56 -18.08 -13.79
C ASP A 144 13.30 -17.54 -13.13
N SER A 145 12.15 -17.83 -13.74
CA SER A 145 10.87 -17.47 -13.16
C SER A 145 10.78 -18.03 -11.74
N LYS A 146 10.27 -17.23 -10.82
CA LYS A 146 10.23 -17.59 -9.40
C LYS A 146 8.82 -18.05 -9.04
N GLU A 147 8.74 -18.92 -8.05
CA GLU A 147 7.43 -19.41 -7.63
C GLU A 147 7.10 -18.81 -6.27
N GLY A 148 7.14 -19.61 -5.21
CA GLY A 148 6.88 -19.09 -3.89
C GLY A 148 5.59 -18.31 -3.85
N PHE A 149 5.67 -17.07 -3.31
CA PHE A 149 4.46 -16.27 -3.17
C PHE A 149 3.84 -15.89 -4.50
N PHE A 150 4.62 -15.93 -5.59
CA PHE A 150 4.04 -15.61 -6.89
C PHE A 150 3.00 -16.66 -7.30
N THR A 151 3.23 -17.90 -6.92
CA THR A 151 2.23 -18.93 -7.20
C THR A 151 0.95 -18.63 -6.44
N TYR A 152 1.07 -18.23 -5.18
CA TYR A 152 -0.11 -17.85 -4.41
C TYR A 152 -0.85 -16.69 -5.07
N ILE A 153 -0.11 -15.66 -5.48
CA ILE A 153 -0.71 -14.46 -6.04
C ILE A 153 -1.48 -14.78 -7.32
N CYS A 154 -0.89 -15.59 -8.20
CA CYS A 154 -1.60 -15.93 -9.43
C CYS A 154 -2.91 -16.65 -9.11
N GLY A 155 -2.87 -17.62 -8.20
CA GLY A 155 -4.10 -18.27 -7.80
C GLY A 155 -5.09 -17.30 -7.17
N PHE A 156 -4.60 -16.45 -6.26
CA PHE A 156 -5.50 -15.52 -5.60
C PHE A 156 -6.20 -14.61 -6.60
N ILE A 157 -5.48 -14.15 -7.61
CA ILE A 157 -6.06 -13.27 -8.62
C ILE A 157 -7.17 -13.98 -9.37
N GLN A 158 -6.88 -15.19 -9.85
CA GLN A 158 -7.84 -15.93 -10.65
C GLN A 158 -9.08 -16.29 -9.84
N GLN A 159 -8.90 -16.59 -8.55
CA GLN A 159 -10.02 -17.03 -7.75
C GLN A 159 -10.73 -15.91 -7.00
N LYS A 160 -10.03 -14.86 -6.58
CA LYS A 160 -10.63 -13.92 -5.64
C LYS A 160 -10.64 -12.47 -6.10
N LEU A 161 -10.30 -12.18 -7.34
CA LEU A 161 -10.37 -10.81 -7.86
C LEU A 161 -11.68 -10.63 -8.63
N ALA A 162 -12.47 -9.64 -8.21
CA ALA A 162 -13.71 -9.41 -8.93
C ALA A 162 -13.43 -9.02 -10.38
N LEU A 163 -14.30 -9.42 -11.29
CA LEU A 163 -14.21 -8.89 -12.63
C LEU A 163 -14.30 -7.37 -12.55
N GLY A 164 -13.49 -6.70 -13.36
CA GLY A 164 -13.36 -5.27 -13.28
C GLY A 164 -12.34 -4.78 -12.29
N GLY A 165 -11.90 -5.63 -11.36
CA GLY A 165 -10.90 -5.22 -10.40
C GLY A 165 -9.51 -5.10 -11.01
N SER A 166 -8.59 -4.61 -10.19
CA SER A 166 -7.25 -4.26 -10.65
C SER A 166 -6.22 -4.75 -9.64
N VAL A 167 -4.98 -4.92 -10.10
CA VAL A 167 -3.89 -5.38 -9.26
C VAL A 167 -2.65 -4.51 -9.50
N ALA A 168 -1.77 -4.47 -8.51
CA ALA A 168 -0.42 -3.93 -8.64
C ALA A 168 0.53 -4.78 -7.80
N ILE A 169 1.45 -5.48 -8.46
CA ILE A 169 2.28 -6.52 -7.85
C ILE A 169 3.75 -6.13 -8.07
N LYS A 170 4.50 -5.98 -6.98
CA LYS A 170 5.90 -5.59 -7.06
C LYS A 170 6.77 -6.73 -7.61
N ILE A 171 7.60 -6.39 -8.58
CA ILE A 171 8.60 -7.30 -9.15
C ILE A 171 9.92 -6.56 -9.14
N THR A 172 10.99 -7.31 -9.39
CA THR A 172 12.31 -6.77 -9.64
C THR A 172 12.94 -7.58 -10.78
N GLU A 173 14.20 -7.28 -11.07
CA GLU A 173 14.93 -8.08 -12.06
C GLU A 173 14.85 -9.56 -11.73
N HIS A 174 15.07 -9.91 -10.47
CA HIS A 174 15.12 -11.32 -10.07
C HIS A 174 13.83 -11.81 -9.41
N SER A 175 13.02 -10.92 -8.84
CA SER A 175 11.76 -11.31 -8.23
C SER A 175 10.65 -11.10 -9.24
N TRP A 176 10.32 -12.16 -9.98
CA TRP A 176 9.31 -12.09 -11.03
C TRP A 176 8.83 -13.51 -11.31
N ASN A 177 7.71 -13.61 -12.04
CA ASN A 177 7.09 -14.89 -12.32
C ASN A 177 6.44 -14.81 -13.70
N ALA A 178 6.65 -15.84 -14.52
CA ALA A 178 6.19 -15.79 -15.90
C ALA A 178 4.67 -15.87 -15.99
N ASP A 179 4.03 -16.64 -15.11
CA ASP A 179 2.57 -16.75 -15.19
C ASP A 179 1.88 -15.47 -14.77
N LEU A 180 2.49 -14.70 -13.89
CA LEU A 180 1.92 -13.42 -13.52
C LEU A 180 1.86 -12.49 -14.72
N TYR A 181 2.95 -12.41 -15.47
CA TYR A 181 2.93 -11.67 -16.73
C TYR A 181 1.87 -12.22 -17.67
N LYS A 182 1.81 -13.55 -17.80
CA LYS A 182 0.79 -14.13 -18.67
C LYS A 182 -0.60 -13.71 -18.21
N LEU A 183 -0.80 -13.58 -16.91
CA LEU A 183 -2.10 -13.19 -16.38
C LEU A 183 -2.41 -11.71 -16.62
N MET A 184 -1.39 -10.89 -16.85
CA MET A 184 -1.64 -9.50 -17.25
C MET A 184 -2.48 -9.43 -18.51
N GLY A 185 -2.34 -10.39 -19.41
CA GLY A 185 -3.18 -10.46 -20.58
C GLY A 185 -4.63 -10.78 -20.32
N HIS A 186 -5.01 -11.04 -19.06
CA HIS A 186 -6.39 -11.26 -18.70
C HIS A 186 -7.07 -9.98 -18.20
N PHE A 187 -6.38 -8.86 -18.31
CA PHE A 187 -6.92 -7.56 -17.95
C PHE A 187 -7.13 -6.79 -19.25
N ALA A 188 -7.97 -5.77 -19.17
CA ALA A 188 -8.21 -4.96 -20.37
C ALA A 188 -6.96 -4.17 -20.77
N TRP A 189 -6.10 -3.87 -19.81
CA TRP A 189 -4.84 -3.17 -20.06
C TRP A 189 -3.89 -3.51 -18.93
N TRP A 190 -2.60 -3.35 -19.19
CA TRP A 190 -1.57 -3.69 -18.21
C TRP A 190 -0.33 -2.85 -18.52
N THR A 191 0.54 -2.74 -17.51
CA THR A 191 1.84 -2.12 -17.71
C THR A 191 2.77 -2.54 -16.58
N ALA A 192 4.03 -2.15 -16.72
CA ALA A 192 5.01 -2.19 -15.64
C ALA A 192 5.38 -0.74 -15.33
N PHE A 193 5.16 -0.32 -14.08
CA PHE A 193 5.28 1.06 -13.68
C PHE A 193 6.44 1.23 -12.71
N VAL A 194 7.32 2.19 -12.97
CA VAL A 194 8.49 2.43 -12.15
C VAL A 194 8.31 3.77 -11.44
N THR A 195 8.41 3.76 -10.11
CA THR A 195 8.26 5.02 -9.40
C THR A 195 9.51 5.88 -9.60
N ASN A 196 9.31 7.19 -9.74
CA ASN A 196 10.44 8.08 -9.94
C ASN A 196 11.34 8.13 -8.72
N VAL A 197 10.80 7.90 -7.52
CA VAL A 197 11.71 7.90 -6.37
C VAL A 197 12.61 6.68 -6.32
N ASN A 198 12.25 5.58 -6.98
CA ASN A 198 13.03 4.36 -6.91
C ASN A 198 13.54 3.95 -8.29
N ALA A 199 13.72 4.94 -9.16
CA ALA A 199 14.10 4.72 -10.55
C ALA A 199 15.47 4.10 -10.70
N SER A 200 16.31 4.16 -9.67
CA SER A 200 17.62 3.55 -9.69
C SER A 200 17.57 2.06 -9.40
N SER A 201 16.38 1.51 -9.18
CA SER A 201 16.19 0.10 -8.89
C SER A 201 15.45 -0.58 -10.02
N SER A 202 15.73 -1.87 -10.22
CA SER A 202 15.00 -2.63 -11.22
C SER A 202 13.58 -2.96 -10.77
N GLU A 203 13.20 -2.59 -9.56
CA GLU A 203 11.83 -2.73 -9.11
C GLU A 203 10.87 -2.10 -10.10
N ALA A 204 9.70 -2.72 -10.22
CA ALA A 204 8.55 -2.14 -10.88
C ALA A 204 7.30 -2.74 -10.24
N PHE A 205 6.16 -2.10 -10.50
CA PHE A 205 4.86 -2.65 -10.15
C PHE A 205 4.18 -3.09 -11.43
N LEU A 206 3.95 -4.39 -11.55
CA LEU A 206 3.12 -4.94 -12.60
C LEU A 206 1.66 -4.65 -12.31
N ILE A 207 1.02 -3.85 -13.15
CA ILE A 207 -0.34 -3.39 -12.93
C ILE A 207 -1.25 -4.00 -13.97
N GLY A 208 -2.31 -4.65 -13.51
CA GLY A 208 -3.37 -5.10 -14.38
C GLY A 208 -4.61 -4.29 -14.11
N CYS A 209 -5.15 -3.66 -15.15
CA CYS A 209 -6.25 -2.71 -15.03
C CYS A 209 -7.51 -3.35 -15.60
N ASN A 210 -8.51 -3.58 -14.73
CA ASN A 210 -9.84 -4.09 -15.08
C ASN A 210 -9.81 -5.55 -15.50
N TYR A 211 -10.01 -6.46 -14.54
CA TYR A 211 -9.89 -7.88 -14.75
C TYR A 211 -11.09 -8.44 -15.53
N LEU A 212 -10.78 -9.27 -16.52
CA LEU A 212 -11.78 -9.82 -17.44
C LEU A 212 -12.02 -11.31 -17.25
N GLY A 213 -11.21 -12.00 -16.46
CA GLY A 213 -11.48 -13.40 -16.15
C GLY A 213 -11.05 -14.39 -17.20
N LYS A 214 -10.52 -13.91 -18.32
CA LYS A 214 -10.16 -14.75 -19.45
C LYS A 214 -9.13 -14.00 -20.27
N PRO A 215 -8.31 -14.70 -21.05
CA PRO A 215 -7.26 -14.00 -21.81
C PRO A 215 -7.87 -13.12 -22.90
N ARG A 216 -7.50 -11.84 -22.85
CA ARG A 216 -7.73 -10.94 -23.96
C ARG A 216 -6.61 -11.06 -24.97
N GLU A 217 -5.44 -11.48 -24.52
CA GLU A 217 -4.23 -11.56 -25.33
C GLU A 217 -3.30 -12.57 -24.68
N GLN A 218 -2.50 -13.22 -25.51
CA GLN A 218 -1.64 -14.31 -25.08
C GLN A 218 -0.23 -13.75 -24.90
N ILE A 219 0.27 -13.82 -23.67
CA ILE A 219 1.55 -13.23 -23.31
C ILE A 219 2.46 -14.34 -22.84
N ASP A 220 3.63 -14.43 -23.45
CA ASP A 220 4.70 -15.29 -22.98
C ASP A 220 5.47 -14.52 -21.91
N GLY A 221 5.39 -14.99 -20.67
CA GLY A 221 5.92 -14.24 -19.55
C GLY A 221 7.44 -14.22 -19.49
N TYR A 222 8.09 -15.27 -19.98
CA TYR A 222 9.56 -15.24 -20.05
C TYR A 222 10.00 -14.13 -20.99
N VAL A 223 9.39 -14.06 -22.16
CA VAL A 223 9.70 -13.01 -23.12
C VAL A 223 9.38 -11.63 -22.56
N MET A 224 8.21 -11.49 -21.91
CA MET A 224 7.83 -10.15 -21.50
C MET A 224 8.74 -9.63 -20.39
N HIS A 225 9.24 -10.51 -19.53
CA HIS A 225 10.16 -10.00 -18.51
C HIS A 225 11.46 -9.54 -19.17
N ALA A 226 11.90 -10.27 -20.19
CA ALA A 226 13.06 -9.85 -20.95
C ALA A 226 12.81 -8.51 -21.63
N ASN A 227 11.60 -8.32 -22.16
CA ASN A 227 11.24 -7.03 -22.72
C ASN A 227 11.31 -5.93 -21.66
N TYR A 228 10.85 -6.23 -20.43
CA TYR A 228 10.86 -5.25 -19.35
C TYR A 228 12.30 -4.84 -19.03
N ILE A 229 13.19 -5.82 -18.90
CA ILE A 229 14.58 -5.54 -18.57
C ILE A 229 15.26 -4.79 -19.73
N PHE A 230 14.94 -5.16 -20.97
CA PHE A 230 15.44 -4.39 -22.11
C PHE A 230 15.05 -2.92 -21.99
N TRP A 231 13.77 -2.64 -21.76
CA TRP A 231 13.32 -1.26 -21.58
C TRP A 231 14.14 -0.57 -20.49
N ARG A 232 14.15 -1.14 -19.29
CA ARG A 232 14.93 -0.55 -18.20
C ARG A 232 16.38 -0.34 -18.59
N ASN A 233 16.98 -1.34 -19.25
CA ASN A 233 18.39 -1.26 -19.60
C ASN A 233 18.69 -0.15 -20.57
N THR A 234 17.72 0.25 -21.39
CA THR A 234 17.99 1.23 -22.43
C THR A 234 17.30 2.57 -22.21
N ASN A 235 16.55 2.72 -21.11
CA ASN A 235 15.86 3.98 -20.83
C ASN A 235 16.14 4.39 -19.40
N PRO A 236 17.23 5.09 -19.16
CA PRO A 236 17.48 5.62 -17.82
C PRO A 236 16.31 6.49 -17.39
N ILE A 237 15.97 6.38 -16.12
CA ILE A 237 14.94 7.20 -15.52
C ILE A 237 15.61 8.06 -14.47
N GLN A 238 15.44 9.38 -14.60
CA GLN A 238 15.98 10.32 -13.64
C GLN A 238 15.25 10.21 -12.32
N LEU A 239 15.98 9.93 -11.25
CA LEU A 239 15.40 9.99 -9.93
C LEU A 239 14.70 11.33 -9.73
N SER A 240 13.48 11.27 -9.22
CA SER A 240 12.75 12.50 -8.96
C SER A 240 11.73 12.27 -7.86
N SER A 241 11.60 13.25 -6.97
CA SER A 241 10.52 13.27 -5.99
C SER A 241 9.54 14.41 -6.21
N TYR A 242 9.56 15.04 -7.39
CA TYR A 242 8.77 16.24 -7.61
C TYR A 242 7.28 16.03 -7.31
N SER A 243 6.70 14.91 -7.74
CA SER A 243 5.26 14.73 -7.64
C SER A 243 4.78 14.62 -6.20
N LEU A 244 5.69 14.39 -5.25
CA LEU A 244 5.28 14.27 -3.85
C LEU A 244 4.86 15.60 -3.26
N PHE A 245 5.26 16.70 -3.87
CA PHE A 245 4.92 18.00 -3.32
C PHE A 245 3.55 18.49 -3.75
N ASP A 246 2.83 17.77 -4.61
CA ASP A 246 1.50 18.20 -5.02
C ASP A 246 0.51 17.08 -4.77
N MET A 247 -0.20 17.19 -3.65
CA MET A 247 -1.16 16.18 -3.21
C MET A 247 -2.60 16.68 -3.31
N SER A 248 -2.84 17.80 -4.00
CA SER A 248 -4.17 18.37 -4.04
C SER A 248 -5.16 17.42 -4.70
N LYS A 249 -4.70 16.62 -5.66
CA LYS A 249 -5.57 15.74 -6.42
C LYS A 249 -5.35 14.28 -6.08
N PHE A 250 -4.79 14.02 -4.90
CA PHE A 250 -4.35 12.66 -4.57
C PHE A 250 -5.49 11.68 -4.36
N PRO A 251 -6.54 11.99 -3.60
CA PRO A 251 -7.56 11.00 -3.29
C PRO A 251 -8.18 10.33 -4.50
N LEU A 252 -8.35 9.02 -4.39
CA LEU A 252 -9.06 8.26 -5.41
C LEU A 252 -10.50 8.74 -5.48
N LYS A 253 -10.96 9.09 -6.68
CA LYS A 253 -12.32 9.61 -6.84
C LYS A 253 -13.32 8.48 -6.57
N LEU A 254 -14.30 8.72 -5.70
CA LEU A 254 -15.27 7.67 -5.38
C LEU A 254 -16.28 7.70 -6.54
N ARG A 255 -16.00 6.87 -7.56
CA ARG A 255 -16.82 6.81 -8.77
C ARG A 255 -18.17 6.14 -8.54
N GLY A 256 -18.42 5.59 -7.35
CA GLY A 256 -19.64 4.87 -7.09
C GLY A 256 -19.92 3.76 -8.08
N THR A 257 -18.86 3.21 -8.66
CA THR A 257 -18.99 2.15 -9.66
C THR A 257 -20.00 1.11 -9.23
N ALA A 258 -20.69 0.53 -10.21
CA ALA A 258 -21.76 -0.41 -9.95
C ALA A 258 -21.23 -1.81 -9.70
N VAL A 259 -21.86 -2.50 -8.75
CA VAL A 259 -21.56 -3.89 -8.42
C VAL A 259 -22.77 -4.76 -8.76
N MET A 260 -22.51 -5.86 -9.45
CA MET A 260 -23.54 -6.80 -9.83
C MET A 260 -23.06 -8.22 -9.59
N SER A 261 -23.94 -9.06 -9.05
CA SER A 261 -23.69 -10.49 -9.10
C SER A 261 -24.06 -10.95 -10.51
N LEU A 262 -23.30 -11.92 -11.02
CA LEU A 262 -23.54 -12.42 -12.37
C LEU A 262 -22.83 -13.76 -12.53
N LYS A 263 -23.34 -14.56 -13.45
CA LYS A 263 -22.91 -15.94 -13.65
C LYS A 263 -22.21 -16.04 -15.01
N GLU A 264 -21.39 -17.08 -15.17
CA GLU A 264 -20.49 -17.13 -16.31
C GLU A 264 -21.25 -17.00 -17.64
N GLY A 265 -22.46 -17.56 -17.72
CA GLY A 265 -23.21 -17.43 -18.96
C GLY A 265 -23.72 -16.02 -19.22
N GLN A 266 -23.72 -15.17 -18.21
CA GLN A 266 -24.27 -13.82 -18.32
C GLN A 266 -23.24 -12.78 -18.75
N ILE A 267 -21.98 -13.16 -18.91
CA ILE A 267 -20.93 -12.19 -19.25
C ILE A 267 -20.90 -12.08 -20.77
N ASN A 268 -21.65 -11.11 -21.28
CA ASN A 268 -21.71 -10.83 -22.71
C ASN A 268 -20.68 -9.77 -23.07
N ASP A 269 -20.67 -9.37 -24.34
CA ASP A 269 -19.69 -8.41 -24.82
C ASP A 269 -20.00 -7.00 -24.32
N MET A 270 -21.28 -6.69 -24.06
CA MET A 270 -21.63 -5.39 -23.49
C MET A 270 -21.15 -5.30 -22.04
N ILE A 271 -21.29 -6.38 -21.29
CA ILE A 271 -20.72 -6.46 -19.94
C ILE A 271 -19.21 -6.29 -20.02
N LEU A 272 -18.55 -7.10 -20.84
CA LEU A 272 -17.10 -7.01 -20.99
C LEU A 272 -16.65 -5.61 -21.39
N SER A 273 -17.46 -4.93 -22.21
CA SER A 273 -17.21 -3.54 -22.55
C SER A 273 -17.14 -2.67 -21.31
N LEU A 274 -18.13 -2.83 -20.45
CA LEU A 274 -18.23 -2.04 -19.23
C LEU A 274 -17.09 -2.35 -18.26
N LEU A 275 -16.78 -3.64 -18.10
CA LEU A 275 -15.63 -4.01 -17.27
C LEU A 275 -14.38 -3.31 -17.76
N SER A 276 -14.17 -3.30 -19.08
CA SER A 276 -12.95 -2.77 -19.66
C SER A 276 -12.83 -1.27 -19.46
N LYS A 277 -13.94 -0.58 -19.26
CA LYS A 277 -13.94 0.85 -19.10
C LYS A 277 -13.92 1.28 -17.64
N GLY A 278 -13.81 0.34 -16.72
CA GLY A 278 -13.82 0.72 -15.31
C GLY A 278 -15.19 1.10 -14.81
N ARG A 279 -16.24 0.62 -15.47
CA ARG A 279 -17.60 1.02 -15.15
C ARG A 279 -18.38 -0.05 -14.39
N LEU A 280 -17.80 -1.23 -14.16
CA LEU A 280 -18.56 -2.31 -13.59
C LEU A 280 -17.66 -3.23 -12.77
N ILE A 281 -18.18 -3.67 -11.62
CA ILE A 281 -17.55 -4.67 -10.78
C ILE A 281 -18.50 -5.84 -10.63
N ILE A 282 -18.00 -7.06 -10.83
CA ILE A 282 -18.83 -8.25 -10.72
C ILE A 282 -18.29 -9.13 -9.60
N ARG A 283 -19.08 -9.24 -8.53
CA ARG A 283 -18.81 -10.07 -7.36
C ARG A 283 -20.05 -10.01 -6.47
N GLU A 284 -20.14 -10.93 -5.52
CA GLU A 284 -21.06 -10.82 -4.40
C GLU A 284 -20.79 -9.56 -3.60
N ASN A 285 -21.80 -9.10 -2.87
CA ASN A 285 -21.63 -7.98 -1.96
C ASN A 285 -21.96 -8.37 -0.52
N ASN A 286 -21.63 -9.62 -0.17
CA ASN A 286 -21.87 -10.10 1.18
C ASN A 286 -20.89 -9.50 2.17
N ARG A 287 -20.81 -10.11 3.35
CA ARG A 287 -19.88 -9.69 4.37
C ARG A 287 -18.48 -10.14 4.02
N VAL A 288 -17.50 -9.37 4.45
CA VAL A 288 -16.12 -9.73 4.20
C VAL A 288 -15.60 -10.52 5.39
N VAL A 289 -15.18 -11.76 5.13
CA VAL A 289 -14.66 -12.65 6.15
C VAL A 289 -13.34 -13.23 5.64
N ILE A 290 -12.34 -13.23 6.51
CA ILE A 290 -11.00 -13.70 6.18
C ILE A 290 -10.50 -14.58 7.30
N SER A 291 -9.47 -15.36 7.00
CA SER A 291 -8.84 -16.13 8.06
C SER A 291 -7.44 -16.52 7.63
N SER A 292 -6.62 -16.89 8.61
CA SER A 292 -5.31 -17.46 8.33
C SER A 292 -5.17 -18.81 9.01
N ASP A 293 -4.69 -19.80 8.23
CA ASP A 293 -4.47 -21.15 8.72
C ASP A 293 -3.39 -21.15 9.79
N VAL A 294 -3.64 -21.88 10.88
CA VAL A 294 -2.67 -22.07 11.95
C VAL A 294 -2.29 -23.54 12.05
N LEU A 295 -1.00 -23.81 12.00
CA LEU A 295 -0.49 -25.16 12.13
C LEU A 295 -0.28 -25.47 13.61
N VAL A 296 -0.85 -26.57 14.06
CA VAL A 296 -0.82 -26.90 15.47
C VAL A 296 0.22 -27.98 15.74
N ASN A 297 1.01 -27.77 16.79
CA ASN A 297 2.12 -28.65 17.14
C ASN A 297 2.34 -28.65 18.66
N ASN A 298 2.60 -29.84 19.22
CA ASN A 298 3.03 -30.01 20.61
C ASN A 298 4.46 -30.55 20.58
N GLU A 299 5.42 -29.73 21.01
CA GLU A 299 6.85 -30.05 20.97
C GLU A 299 7.34 -30.70 22.26
N ASN A 300 6.48 -30.85 23.26
CA ASN A 300 6.82 -31.49 24.52
C ASN A 300 6.98 -33.00 24.33
N LEU A 301 7.75 -33.62 25.22
CA LEU A 301 7.92 -35.09 25.19
C LEU A 301 8.58 -35.69 26.43
N ALA B 19 -4.82 -6.39 41.36
CA ALA B 19 -4.60 -4.96 41.49
C ALA B 19 -3.39 -4.51 40.67
N PHE B 20 -2.55 -5.45 40.26
CA PHE B 20 -1.39 -5.10 39.44
C PHE B 20 -1.75 -4.90 37.98
N ALA B 21 -1.16 -3.86 37.40
CA ALA B 21 -1.46 -3.44 36.04
C ALA B 21 -0.23 -2.65 35.58
N VAL B 22 0.41 -3.11 34.52
CA VAL B 22 1.54 -2.36 33.97
C VAL B 22 1.05 -0.97 33.56
N ASP B 23 1.87 0.05 33.84
CA ASP B 23 1.56 1.42 33.47
C ASP B 23 2.55 1.90 32.41
N ALA B 24 2.20 1.70 31.15
CA ALA B 24 3.14 2.02 30.08
C ALA B 24 3.21 3.52 29.85
N ALA B 25 2.06 4.19 29.86
CA ALA B 25 2.04 5.63 29.71
C ALA B 25 3.03 6.28 30.68
N LYS B 26 2.95 5.91 31.95
CA LYS B 26 3.86 6.46 32.94
C LYS B 26 5.30 6.07 32.66
N ALA B 27 5.52 4.85 32.18
CA ALA B 27 6.88 4.40 31.94
C ALA B 27 7.52 5.19 30.80
N TYR B 28 6.75 5.53 29.78
CA TYR B 28 7.32 6.29 28.67
C TYR B 28 7.60 7.72 29.12
N LYS B 29 6.64 8.32 29.85
CA LYS B 29 6.87 9.66 30.40
C LYS B 29 8.16 9.70 31.22
N ASP B 30 8.37 8.71 32.09
CA ASP B 30 9.60 8.71 32.88
C ASP B 30 10.82 8.47 32.00
N TYR B 31 10.71 7.58 31.01
CA TYR B 31 11.83 7.34 30.10
C TYR B 31 12.20 8.63 29.38
N LEU B 32 11.21 9.39 28.94
CA LEU B 32 11.51 10.62 28.23
C LEU B 32 12.16 11.64 29.16
N ALA B 33 11.60 11.79 30.35
CA ALA B 33 12.17 12.68 31.35
C ALA B 33 13.64 12.36 31.61
N SER B 34 13.95 11.08 31.81
CA SER B 34 15.33 10.67 32.01
C SER B 34 16.21 10.89 30.78
N GLY B 35 15.67 11.42 29.69
CA GLY B 35 16.47 11.68 28.51
C GLY B 35 16.52 10.58 27.47
N GLY B 36 15.56 9.65 27.48
CA GLY B 36 15.56 8.59 26.48
C GLY B 36 15.12 9.09 25.10
N GLN B 37 15.58 8.37 24.07
CA GLN B 37 15.22 8.74 22.71
C GLN B 37 13.76 8.44 22.44
N PRO B 38 13.00 9.37 21.87
CA PRO B 38 11.59 9.09 21.58
C PRO B 38 11.42 7.98 20.56
N ILE B 39 10.28 7.30 20.65
CA ILE B 39 9.93 6.29 19.67
C ILE B 39 9.98 6.90 18.28
N THR B 40 10.58 6.17 17.36
CA THR B 40 10.76 6.59 15.99
C THR B 40 9.92 5.72 15.05
N ASN B 41 10.10 5.96 13.74
CA ASN B 41 9.38 5.25 12.69
C ASN B 41 7.89 5.43 12.77
N CYS B 42 7.47 6.55 13.34
CA CYS B 42 6.12 7.02 13.14
C CYS B 42 5.98 7.37 11.66
N VAL B 43 4.86 6.97 11.06
CA VAL B 43 4.70 7.06 9.62
C VAL B 43 4.14 8.42 9.25
N LYS B 44 5.00 9.28 8.69
CA LYS B 44 4.57 10.61 8.29
C LYS B 44 4.03 10.60 6.86
N MET B 45 2.88 11.24 6.68
CA MET B 45 2.21 11.26 5.40
C MET B 45 2.56 12.49 4.60
N LEU B 46 2.49 12.34 3.28
CA LEU B 46 2.48 13.47 2.38
C LEU B 46 1.07 14.03 2.32
N CYS B 47 0.95 15.35 2.40
CA CYS B 47 -0.36 15.99 2.34
C CYS B 47 -0.14 17.43 1.91
N THR B 48 -1.25 18.12 1.74
CA THR B 48 -1.22 19.51 1.29
C THR B 48 -0.81 20.47 2.39
N HIS B 49 -1.07 20.12 3.65
CA HIS B 49 -0.83 21.03 4.77
C HIS B 49 -1.72 22.26 4.68
N THR B 50 -2.91 22.07 4.11
CA THR B 50 -3.95 23.08 4.11
C THR B 50 -5.26 22.49 4.64
N GLY B 51 -5.18 21.58 5.60
CA GLY B 51 -6.35 20.91 6.11
C GLY B 51 -6.87 21.57 7.37
N THR B 52 -7.91 20.95 7.95
CA THR B 52 -8.65 21.56 9.05
C THR B 52 -7.82 21.76 10.31
N GLY B 53 -6.74 21.01 10.50
CA GLY B 53 -5.99 21.15 11.73
C GLY B 53 -6.52 20.37 12.91
N GLN B 54 -7.65 19.68 12.77
CA GLN B 54 -8.16 18.86 13.84
C GLN B 54 -7.17 17.77 14.22
N ALA B 55 -7.37 17.20 15.40
CA ALA B 55 -6.33 16.37 16.02
C ALA B 55 -6.25 14.99 15.38
N ILE B 56 -7.39 14.34 15.21
CA ILE B 56 -7.46 12.95 14.78
C ILE B 56 -8.57 12.84 13.75
N THR B 57 -8.21 12.42 12.54
CA THR B 57 -9.13 12.54 11.42
C THR B 57 -9.07 11.28 10.57
N VAL B 58 -10.06 11.12 9.69
CA VAL B 58 -10.10 9.94 8.84
C VAL B 58 -9.13 10.02 7.67
N THR B 59 -8.58 11.20 7.39
CA THR B 59 -7.62 11.41 6.33
C THR B 59 -6.70 12.54 6.80
N PRO B 60 -5.48 12.62 6.29
CA PRO B 60 -4.57 13.69 6.73
C PRO B 60 -5.18 15.08 6.64
N GLU B 61 -5.06 15.84 7.74
CA GLU B 61 -5.65 17.16 7.85
C GLU B 61 -4.68 18.19 8.40
N ALA B 62 -3.37 17.92 8.31
CA ALA B 62 -2.40 18.87 8.79
C ALA B 62 -2.64 20.25 8.17
N ASN B 63 -2.47 21.28 8.97
CA ASN B 63 -2.43 22.64 8.44
C ASN B 63 -0.97 23.06 8.29
N MET B 64 -0.73 24.36 8.12
CA MET B 64 0.63 24.81 7.84
C MET B 64 1.58 24.52 8.99
N ASP B 65 1.04 24.34 10.21
CA ASP B 65 1.89 24.20 11.40
C ASP B 65 1.91 22.78 11.93
N GLN B 66 1.48 21.80 11.15
CA GLN B 66 1.40 20.43 11.63
C GLN B 66 1.97 19.46 10.61
N GLU B 67 2.32 18.28 11.10
CA GLU B 67 2.58 17.11 10.27
C GLU B 67 1.44 16.12 10.51
N SER B 68 1.12 15.31 9.50
CA SER B 68 0.13 14.25 9.65
C SER B 68 0.82 12.91 9.69
N PHE B 69 0.35 12.03 10.58
CA PHE B 69 0.95 10.71 10.74
C PHE B 69 -0.11 9.63 10.72
N GLY B 70 0.26 8.45 10.24
CA GLY B 70 -0.63 7.30 10.38
C GLY B 70 -0.83 7.01 11.86
N GLY B 71 -2.08 6.81 12.25
CA GLY B 71 -2.40 6.80 13.67
C GLY B 71 -1.77 5.64 14.43
N ALA B 72 -1.90 4.42 13.90
CA ALA B 72 -1.37 3.28 14.63
C ALA B 72 0.09 3.48 15.00
N SER B 73 0.89 4.05 14.10
CA SER B 73 2.32 4.17 14.37
C SER B 73 2.62 5.19 15.46
N CYS B 74 1.64 5.97 15.88
CA CYS B 74 1.82 7.01 16.90
C CYS B 74 1.16 6.64 18.21
N CYS B 75 0.62 5.44 18.32
CA CYS B 75 -0.07 4.98 19.51
C CYS B 75 0.90 4.14 20.34
N LEU B 76 1.17 4.59 21.56
CA LEU B 76 2.04 3.84 22.47
C LEU B 76 1.62 2.39 22.62
N TYR B 77 0.32 2.14 22.76
CA TYR B 77 -0.13 0.77 23.01
C TYR B 77 0.00 -0.08 21.76
N CYS B 78 -0.35 0.44 20.60
CA CYS B 78 -0.12 -0.29 19.36
C CYS B 78 1.37 -0.63 19.21
N ARG B 79 2.23 0.37 19.40
CA ARG B 79 3.65 0.17 19.10
C ARG B 79 4.35 -0.73 20.12
N CYS B 80 3.84 -0.83 21.33
CA CYS B 80 4.48 -1.63 22.36
C CYS B 80 3.86 -3.01 22.51
N HIS B 81 2.81 -3.30 21.75
CA HIS B 81 2.12 -4.59 21.80
C HIS B 81 1.52 -4.83 23.18
N ILE B 82 0.82 -3.81 23.68
CA ILE B 82 0.16 -3.96 24.95
C ILE B 82 -1.29 -3.55 24.79
N ASP B 83 -2.09 -3.87 25.80
CA ASP B 83 -3.52 -3.66 25.74
C ASP B 83 -3.82 -2.17 25.83
N HIS B 84 -4.92 -1.76 25.22
CA HIS B 84 -5.24 -0.35 25.30
C HIS B 84 -6.00 -0.04 26.59
N PRO B 85 -5.82 1.16 27.14
CA PRO B 85 -6.52 1.53 28.40
C PRO B 85 -8.03 1.32 28.35
N ASN B 86 -8.68 1.70 27.26
CA ASN B 86 -10.11 1.52 27.09
C ASN B 86 -10.48 0.13 27.60
N PRO B 87 -11.62 -0.02 28.31
CA PRO B 87 -12.01 -1.38 28.73
C PRO B 87 -12.37 -2.30 27.58
N LYS B 88 -12.87 -1.76 26.47
CA LYS B 88 -13.12 -2.56 25.28
C LYS B 88 -11.87 -2.75 24.43
N GLY B 89 -10.75 -2.14 24.82
CA GLY B 89 -9.51 -2.26 24.08
C GLY B 89 -9.39 -1.39 22.84
N PHE B 90 -10.42 -0.61 22.51
CA PHE B 90 -10.46 0.20 21.30
C PHE B 90 -9.32 1.21 21.28
N CYS B 91 -8.84 1.50 20.07
CA CYS B 91 -7.80 2.48 19.83
C CYS B 91 -8.34 3.74 19.18
N ASP B 92 -8.01 4.89 19.77
CA ASP B 92 -8.39 6.19 19.23
C ASP B 92 -7.74 6.49 17.90
N LEU B 93 -6.53 5.97 17.68
CA LEU B 93 -5.68 6.42 16.59
C LEU B 93 -5.62 5.43 15.44
N LYS B 94 -5.67 4.14 15.74
CA LYS B 94 -5.57 3.12 14.70
C LYS B 94 -6.58 3.36 13.59
N GLY B 95 -6.09 3.31 12.36
CA GLY B 95 -6.94 3.49 11.20
C GLY B 95 -7.29 4.92 10.89
N LYS B 96 -6.73 5.87 11.62
CA LYS B 96 -6.98 7.29 11.37
C LYS B 96 -5.64 7.98 11.18
N TYR B 97 -5.65 9.30 11.13
CA TYR B 97 -4.47 10.13 10.97
C TYR B 97 -4.46 11.13 12.12
N VAL B 98 -3.29 11.35 12.69
CA VAL B 98 -3.14 12.23 13.82
C VAL B 98 -2.26 13.39 13.38
N GLN B 99 -2.77 14.60 13.59
CA GLN B 99 -2.01 15.81 13.31
C GLN B 99 -1.18 16.17 14.53
N ILE B 100 0.12 16.38 14.31
CA ILE B 100 1.06 16.70 15.37
C ILE B 100 1.66 18.07 15.06
N PRO B 101 1.65 19.02 16.00
CA PRO B 101 2.39 20.27 15.77
C PRO B 101 3.80 19.98 15.30
N THR B 102 4.23 20.74 14.30
CA THR B 102 5.55 20.50 13.71
C THR B 102 6.65 20.63 14.76
N THR B 103 6.48 21.54 15.72
CA THR B 103 7.47 21.69 16.78
C THR B 103 7.59 20.47 17.68
N CYS B 104 6.57 19.60 17.71
CA CYS B 104 6.59 18.40 18.53
C CYS B 104 6.75 17.11 17.74
N ALA B 105 6.83 17.18 16.41
CA ALA B 105 6.82 15.96 15.60
C ALA B 105 8.08 15.10 15.75
N ASN B 106 9.04 15.48 16.56
CA ASN B 106 10.12 14.56 16.90
C ASN B 106 9.66 13.45 17.83
N ASP B 107 8.47 13.53 18.40
CA ASP B 107 7.98 12.54 19.36
C ASP B 107 6.47 12.47 19.27
N PRO B 108 5.94 11.98 18.15
CA PRO B 108 4.47 11.90 18.02
C PRO B 108 3.83 11.05 19.09
N VAL B 109 4.50 9.98 19.53
CA VAL B 109 3.89 9.13 20.54
C VAL B 109 3.77 9.86 21.87
N GLY B 110 4.86 10.51 22.29
CA GLY B 110 4.79 11.38 23.44
C GLY B 110 3.66 12.39 23.31
N PHE B 111 3.55 13.02 22.14
CA PHE B 111 2.56 14.08 22.01
C PHE B 111 1.14 13.56 22.23
N THR B 112 0.76 12.49 21.54
CA THR B 112 -0.61 11.98 21.64
C THR B 112 -0.93 11.48 23.05
N LEU B 113 0.08 10.98 23.75
CA LEU B 113 -0.12 10.48 25.10
C LEU B 113 -0.40 11.62 26.06
N LYS B 114 0.42 12.68 25.99
CA LYS B 114 0.37 13.75 26.97
C LYS B 114 -0.82 14.69 26.78
N ASN B 115 -1.30 14.82 25.55
N ASN B 115 -1.23 14.96 25.55
CA ASN B 115 -2.26 15.84 25.19
CA ASN B 115 -2.29 15.95 25.39
C ASN B 115 -3.63 15.20 24.99
C ASN B 115 -3.61 15.25 25.04
N THR B 116 -4.65 16.05 24.95
CA THR B 116 -6.02 15.59 24.83
C THR B 116 -6.76 16.45 23.83
N VAL B 117 -7.79 15.85 23.23
CA VAL B 117 -8.55 16.42 22.14
C VAL B 117 -9.83 17.03 22.68
N CYS B 118 -10.06 18.29 22.34
CA CYS B 118 -11.34 18.92 22.66
C CYS B 118 -12.51 18.16 22.07
N THR B 119 -13.44 17.75 22.93
CA THR B 119 -14.61 17.01 22.50
C THR B 119 -15.60 17.87 21.73
N VAL B 120 -15.37 19.18 21.68
CA VAL B 120 -16.31 20.08 21.01
C VAL B 120 -15.81 20.45 19.62
N CYS B 121 -14.62 21.03 19.55
CA CYS B 121 -14.13 21.50 18.26
C CYS B 121 -13.20 20.51 17.57
N GLY B 122 -12.65 19.53 18.29
CA GLY B 122 -11.83 18.52 17.67
C GLY B 122 -10.36 18.86 17.52
N MET B 123 -9.97 20.08 17.88
CA MET B 123 -8.57 20.45 17.96
C MET B 123 -7.95 19.93 19.23
N TRP B 124 -6.61 19.90 19.24
CA TRP B 124 -5.90 19.53 20.45
C TRP B 124 -6.09 20.63 21.49
N LYS B 125 -6.46 20.24 22.71
CA LYS B 125 -6.50 21.20 23.80
C LYS B 125 -5.10 21.78 23.94
N GLY B 126 -4.99 23.10 23.75
CA GLY B 126 -3.73 23.78 23.86
C GLY B 126 -2.95 23.91 22.57
N TYR B 127 -3.46 23.36 21.48
CA TYR B 127 -2.77 23.47 20.22
C TYR B 127 -3.82 23.59 19.12
N GLY B 128 -4.76 24.51 19.30
CA GLY B 128 -5.77 24.77 18.32
C GLY B 128 -7.15 25.01 18.89
N CYS B 129 -7.46 24.39 20.02
CA CYS B 129 -8.77 24.58 20.64
C CYS B 129 -8.88 25.99 21.22
N SER B 130 -9.82 26.77 20.70
CA SER B 130 -10.09 28.11 21.22
C SER B 130 -11.44 28.18 21.92
N CYS B 131 -12.06 27.03 22.20
CA CYS B 131 -13.34 27.01 22.89
C CYS B 131 -13.21 27.70 24.25
N ASP B 132 -12.03 27.64 24.87
CA ASP B 132 -11.83 28.20 26.20
C ASP B 132 -11.73 29.72 26.19
N GLN B 133 -11.44 30.35 25.06
CA GLN B 133 -11.34 31.80 25.00
C GLN B 133 -12.74 32.42 24.98
N SAM C . 5.37 -2.82 2.01
CA SAM C . 6.29 -2.66 3.16
C SAM C . 6.17 -1.16 3.48
O SAM C . 7.10 -0.53 4.00
OXT SAM C . 5.13 -0.56 3.19
CB SAM C . 7.70 -3.12 2.88
CG SAM C . 7.75 -4.58 2.41
SD SAM C . 9.36 -5.31 1.98
CE SAM C . 9.84 -4.70 0.34
C5' SAM C . 8.86 -7.02 1.56
C4' SAM C . 7.93 -7.73 2.52
O4' SAM C . 7.33 -8.93 1.98
C3' SAM C . 8.62 -8.17 3.85
O3' SAM C . 8.09 -7.43 4.91
C2' SAM C . 8.36 -9.69 3.97
O2' SAM C . 8.10 -10.11 5.27
C1' SAM C . 7.22 -9.98 2.97
N9 SAM C . 7.20 -11.33 2.40
C8 SAM C . 8.17 -11.95 1.67
N7 SAM C . 7.75 -13.19 1.36
C5 SAM C . 6.51 -13.41 1.88
C6 SAM C . 5.63 -14.49 1.85
N6 SAM C . 5.93 -15.64 1.24
N1 SAM C . 4.42 -14.38 2.49
C2 SAM C . 4.08 -13.20 3.14
N3 SAM C . 4.96 -12.13 3.16
C4 SAM C . 6.17 -12.22 2.53
HN1 SAM C . 4.53 -2.64 2.16
HA SAM C . 6.06 -3.23 3.92
HB1 SAM C . 8.29 -3.01 3.79
HB2 SAM C . 8.14 -2.48 2.11
HG1 SAM C . 7.11 -4.66 1.53
HG2 SAM C . 7.31 -5.19 3.21
HE1 SAM C . 9.26 -5.22 -0.42
HE2 SAM C . 10.90 -4.88 0.19
HE3 SAM C . 9.64 -3.63 0.29
H4' SAM C . 7.17 -6.98 2.72
H3' SAM C . 9.70 -8.00 3.86
H2' SAM C . 9.25 -10.29 3.75
HO2' SAM C . 8.08 -11.09 5.31
H1' SAM C . 6.27 -9.96 3.48
H8 SAM C . 9.14 -11.51 1.38
HN61 SAM C . 6.83 -15.74 0.76
HN62 SAM C . 5.28 -16.42 1.24
H2 SAM C . 3.12 -13.11 3.64
C1 EDO D . -15.60 2.77 0.42
O1 EDO D . -15.66 2.83 -1.01
C2 EDO D . -16.66 3.61 1.13
O2 EDO D . -17.95 3.02 0.97
H11 EDO D . -14.61 3.11 0.74
H12 EDO D . -15.71 1.73 0.74
HO1 EDO D . -14.97 2.27 -1.39
H21 EDO D . -16.41 3.68 2.20
H22 EDO D . -16.66 4.62 0.72
HO2 EDO D . -18.55 3.39 1.63
C1 EDO E . 9.69 -15.45 -4.82
O1 EDO E . 10.75 -15.04 -3.94
C2 EDO E . 9.00 -16.63 -4.13
O2 EDO E . 9.07 -16.47 -2.71
H11 EDO E . 8.98 -14.64 -4.98
H12 EDO E . 10.09 -15.74 -5.78
HO1 EDO E . 11.03 -14.14 -4.16
H21 EDO E . 9.49 -17.57 -4.42
H22 EDO E . 7.97 -16.69 -4.45
HO2 EDO E . 8.62 -17.20 -2.27
O1 MES F . -6.67 3.29 -18.08
C2 MES F . -6.56 2.25 -19.04
C3 MES F . -5.28 2.38 -19.84
N4 MES F . -5.16 3.71 -20.38
C5 MES F . -5.39 4.83 -19.47
C6 MES F . -6.68 4.59 -18.70
C7 MES F . -3.92 3.97 -21.12
C8 MES F . -3.93 3.25 -22.45
S MES F . -2.61 3.65 -23.39
O1S MES F . -2.61 2.60 -24.44
O2S MES F . -1.27 3.58 -22.74
O3S MES F . -2.85 5.02 -23.91
H21 MES F . -7.41 2.29 -19.72
H22 MES F . -6.59 1.29 -18.54
H31 MES F . -4.41 2.16 -19.20
H32 MES F . -5.27 1.65 -20.65
HN4 MES F . -5.95 3.70 -21.02
H51 MES F . -4.56 4.93 -18.78
H52 MES F . -5.48 5.76 -20.04
H61 MES F . -7.53 4.66 -19.38
H62 MES F . -6.80 5.35 -17.93
H71 MES F . -3.06 3.64 -20.53
H72 MES F . -3.80 5.05 -21.29
H81 MES F . -4.84 3.50 -22.99
H82 MES F . -3.93 2.17 -22.28
C1 EDO G . -13.36 -17.38 4.87
O1 EDO G . -12.50 -17.77 5.96
C2 EDO G . -13.18 -18.51 3.87
O2 EDO G . -11.91 -19.10 4.16
H11 EDO G . -13.06 -16.42 4.45
H12 EDO G . -14.40 -17.29 5.20
HO1 EDO G . -12.57 -17.12 6.68
H21 EDO G . -13.99 -19.25 3.98
H22 EDO G . -13.21 -18.13 2.84
HO2 EDO G . -11.77 -19.88 3.60
C1 EDO H . 13.33 -2.61 -4.58
O1 EDO H . 14.25 -1.56 -4.22
C2 EDO H . 13.17 -3.74 -3.55
O2 EDO H . 12.59 -3.32 -2.30
H11 EDO H . 13.67 -3.04 -5.52
H12 EDO H . 12.35 -2.15 -4.75
HO1 EDO H . 14.40 -0.99 -4.98
H21 EDO H . 14.15 -4.18 -3.35
H22 EDO H . 12.54 -4.52 -3.99
HO2 EDO H . 12.43 -4.10 -1.75
C1 EDO I . 15.27 14.99 -7.20
O1 EDO I . 13.93 15.29 -6.76
C2 EDO I . 15.85 13.97 -6.25
O2 EDO I . 17.14 13.54 -6.71
H11 EDO I . 15.87 15.90 -7.21
H12 EDO I . 15.25 14.60 -8.23
HO1 EDO I . 13.50 15.87 -7.40
H21 EDO I . 15.96 14.41 -5.25
H22 EDO I . 15.18 13.11 -6.16
HO2 EDO I . 17.51 12.90 -6.08
C1 EDO J . 17.18 -4.81 -6.94
O1 EDO J . 16.24 -4.99 -5.87
C2 EDO J . 16.99 -3.39 -7.50
O2 EDO J . 17.98 -3.01 -8.46
H11 EDO J . 17.02 -5.55 -7.72
H12 EDO J . 18.21 -4.92 -6.57
HO1 EDO J . 16.35 -5.88 -5.48
H21 EDO J . 16.01 -3.34 -7.99
H22 EDO J . 17.00 -2.68 -6.68
HO2 EDO J . 17.89 -2.08 -8.68
C1 EDO K . 15.45 18.38 3.73
O1 EDO K . 14.33 19.16 3.31
C2 EDO K . 16.23 17.94 2.50
O2 EDO K . 15.35 17.23 1.61
H11 EDO K . 15.10 17.51 4.29
H12 EDO K . 16.10 18.97 4.39
HO1 EDO K . 13.71 19.27 4.04
H21 EDO K . 17.06 17.28 2.80
H22 EDO K . 16.66 18.81 1.99
HO2 EDO K . 15.84 16.99 0.81
NA NA L . -10.46 -1.43 -8.69
C1 EDO M . -6.94 -18.72 -1.70
O1 EDO M . -6.55 -18.91 -3.07
C2 EDO M . -8.41 -18.32 -1.59
O2 EDO M . -8.89 -18.38 -0.24
H11 EDO M . -6.78 -19.65 -1.15
H12 EDO M . -6.32 -17.95 -1.24
HO1 EDO M . -5.63 -19.21 -3.10
H21 EDO M . -9.01 -18.98 -2.21
H22 EDO M . -8.54 -17.30 -1.98
HO2 EDO M . -9.80 -18.08 -0.20
C1 EDO N . -1.58 -17.61 -15.90
O1 EDO N . -1.79 -18.34 -14.69
C2 EDO N . -2.83 -17.66 -16.79
O2 EDO N . -3.10 -19.01 -17.17
H11 EDO N . -0.73 -18.02 -16.44
H12 EDO N . -1.35 -16.56 -15.66
HO1 EDO N . -0.97 -18.32 -14.15
H21 EDO N . -3.68 -17.24 -16.24
H22 EDO N . -2.67 -17.05 -17.67
HO2 EDO N . -3.90 -19.04 -17.71
C1 EDO O . -1.67 5.79 -18.38
O1 EDO O . -1.34 6.86 -17.49
C2 EDO O . -0.46 5.41 -19.25
O2 EDO O . 0.76 5.52 -18.52
H11 EDO O . -1.99 4.92 -17.80
H12 EDO O . -2.51 6.08 -19.03
HO1 EDO O . -2.12 7.10 -16.97
H21 EDO O . -0.59 4.38 -19.60
H22 EDO O . -0.43 6.06 -20.12
HO2 EDO O . 1.51 5.27 -19.10
C1 EDO P . 0.00 -23.37 8.12
O1 EDO P . 1.40 -23.29 8.44
C2 EDO P . -0.17 -24.24 6.88
O2 EDO P . -1.40 -23.93 6.21
H11 EDO P . -0.56 -23.80 8.96
H12 EDO P . -0.40 -22.37 7.93
HO1 EDO P . 1.51 -22.79 9.25
H21 EDO P . 0.66 -24.08 6.19
H22 EDO P . -0.17 -25.29 7.16
HO2 EDO P . -1.49 -24.50 5.42
C1 EDO Q . -9.99 8.41 3.63
O1 EDO Q . -9.46 8.09 4.92
C2 EDO Q . -8.89 8.43 2.57
O2 EDO Q . -9.44 9.23 1.50
H11 EDO Q . -10.73 7.66 3.35
H12 EDO Q . -10.48 9.38 3.67
HO1 EDO Q . -10.16 8.15 5.58
H21 EDO Q . -7.97 8.89 2.96
H22 EDO Q . -8.65 7.43 2.22
HO2 EDO Q . -8.81 9.25 0.77
NA NA R . 16.87 -8.05 -8.55
N11 A1I4H S . 24.02 -4.14 -9.78
C12 A1I4H S . 25.28 -4.60 -9.18
C13 A1I4H S . 26.25 -2.36 -11.40
C14 A1I4H S . 26.83 -3.80 -11.64
C16 A1I4H S . 27.25 -3.77 -12.89
C18 A1I4H S . 29.02 -1.97 -13.92
C20 A1I4H S . 29.71 -3.14 -14.61
C24 A1I4H S . 20.34 -5.03 -9.26
C02 A1I4H S . 22.78 -4.74 -9.27
C04 A1I4H S . 21.38 -3.39 -10.83
C06 A1I4H S . 22.67 -2.77 -11.35
C08 A1I4H S . 24.14 -1.58 -12.45
C10 A1I4H S . 23.92 -3.12 -10.86
C21 A1I4H S . 31.09 -2.82 -15.26
C23 A1I4H S . 27.05 -1.46 -12.37
N03 A1I4H S . 21.50 -4.36 -9.79
N07 A1I4H S . 22.79 -1.83 -12.31
N09 A1I4H S . 24.83 -2.36 -11.59
N17 A1I4H S . 27.84 -2.29 -13.07
N22 A1I4H S . 31.68 -4.09 -15.75
O01 A1I4H S . 22.83 -5.55 -8.43
O05 A1I4H S . 20.37 -3.05 -11.28
O15 A1I4H S . 27.94 -4.04 -10.71
O19 A1I4H S . 29.40 -0.87 -14.03
H121 A1I4H S . 25.97 -3.76 -9.10
H123 A1I4H S . 25.71 -5.38 -9.80
H122 A1I4H S . 25.08 -5.00 -8.19
H131 A1I4H S . 26.42 -1.98 -10.39
H141 A1I4H S . 26.07 -4.55 -11.52
H162 A1I4H S . 26.42 -3.95 -13.59
H161 A1I4H S . 28.04 -4.51 -13.05
H202 A1I4H S . 29.05 -3.51 -15.38
H201 A1I4H S . 29.87 -3.92 -13.87
H242 A1I4H S . 20.34 -4.92 -8.16
H243 A1I4H S . 20.39 -6.08 -9.53
H241 A1I4H S . 19.43 -4.58 -9.67
H081 A1I4H S . 24.56 -0.88 -13.14
H212 A1I4H S . 31.77 -2.36 -14.52
H211 A1I4H S . 30.94 -2.13 -16.11
H231 A1I4H S . 26.38 -0.92 -13.03
H232 A1I4H S . 27.66 -0.76 -11.80
H222 A1I4H S . 32.54 -4.24 -15.27
H221 A1I4H S . 31.86 -4.04 -16.75
H151 A1I4H S . 28.18 -4.95 -10.75
CL CL T . 4.79 -11.87 -25.45
C1 EDO U . 10.58 15.97 10.35
O1 EDO U . 11.68 15.06 10.23
C2 EDO U . 9.37 15.26 10.93
O2 EDO U . 9.77 14.61 12.15
H11 EDO U . 10.34 16.37 9.36
H12 EDO U . 10.87 16.80 10.99
HO1 EDO U . 12.44 15.51 9.83
H21 EDO U . 8.98 14.52 10.22
H22 EDO U . 8.57 15.98 11.13
HO2 EDO U . 9.00 14.19 12.55
ZN ZN V . -3.41 1.96 19.53
ZN ZN W . -12.37 23.15 21.59
C1 EDO X . -5.39 11.58 23.63
O1 EDO X . -4.15 11.54 24.35
C2 EDO X . -5.36 10.94 22.24
O2 EDO X . -5.12 9.53 22.29
H11 EDO X . -6.15 11.07 24.23
H12 EDO X . -5.70 12.62 23.52
HO1 EDO X . -4.28 11.86 25.25
H21 EDO X . -4.58 11.42 21.64
H22 EDO X . -6.33 11.12 21.75
HO2 EDO X . -5.17 9.17 21.39
C1 EDO Y . 8.33 -3.61 17.42
O1 EDO Y . 8.66 -4.50 16.34
C2 EDO Y . 8.69 -4.16 18.79
O2 EDO Y . 7.90 -3.51 19.82
H11 EDO Y . 7.26 -3.40 17.39
H12 EDO Y . 8.86 -2.67 17.27
HO1 EDO Y . 8.33 -4.13 15.50
H21 EDO Y . 9.74 -3.99 19.00
H22 EDO Y . 8.51 -5.23 18.83
HO2 EDO Y . 8.12 -3.89 20.68
C1 EDO Z . 5.57 27.43 7.61
O1 EDO Z . 6.31 28.66 7.77
C2 EDO Z . 6.53 26.26 7.75
O2 EDO Z . 7.40 26.49 8.86
H11 EDO Z . 4.78 27.37 8.36
H12 EDO Z . 5.09 27.41 6.62
HO1 EDO Z . 5.70 29.37 8.03
H21 EDO Z . 5.97 25.34 7.90
H22 EDO Z . 7.12 26.14 6.83
HO2 EDO Z . 8.02 25.76 8.95
N1 IMD AA . 8.15 0.02 20.63
C2 IMD AA . 8.65 0.68 19.56
N3 IMD AA . 9.83 1.24 19.92
C4 IMD AA . 10.07 0.92 21.21
C5 IMD AA . 9.01 0.15 21.67
HN1 IMD AA . 7.30 -0.49 20.66
H2 IMD AA . 8.22 0.75 18.69
HN3 IMD AA . 10.41 1.78 19.33
H4 IMD AA . 10.86 1.20 21.73
H5 IMD AA . 8.91 -0.22 22.56
C1 EDO BA . 11.23 2.84 17.30
O1 EDO BA . 11.87 3.25 18.51
C2 EDO BA . 11.81 1.57 16.69
O2 EDO BA . 11.20 1.29 15.42
H11 EDO BA . 11.31 3.64 16.57
H12 EDO BA . 10.16 2.68 17.50
HO1 EDO BA . 11.41 4.02 18.87
H21 EDO BA . 12.89 1.69 16.55
H22 EDO BA . 11.65 0.73 17.37
HO2 EDO BA . 11.61 0.52 15.01
#